data_5HFK
#
_entry.id   5HFK
#
_cell.length_a   83.267
_cell.length_b   83.267
_cell.length_c   171.153
_cell.angle_alpha   90.000
_cell.angle_beta   90.000
_cell.angle_gamma   90.000
#
_symmetry.space_group_name_H-M   'P 41 21 2'
#
loop_
_entity.id
_entity.type
_entity.pdbx_description
1 polymer 'Disulfide-bond oxidoreductase YfcG'
2 non-polymer GLUTATHIONE
3 water water
#
_entity_poly.entity_id   1
_entity_poly.type   'polypeptide(L)'
_entity_poly.pdbx_seq_one_letter_code
;MHHHHHHSSGVDLGTENLYFQSMIDLYFAPTPNGHKITLFLEEAGLDYRLIKVDLGKGGQFRPEFLLISPNNKIPAIVDH
SPADGGEPLSLFESGAILLYLAEKTGLFLSHETRERAATLQWLFWQVGGLGPMLGQNHHFNHAAPQTIPYAIERYQVETQ
RLYHVLNKRLENSPWLGGENYSIADIACWPWVNAWTRQRIDLAMYPAVKNWHERIRSRPATGQALLKAQLGDERSDS
;
_entity_poly.pdbx_strand_id   A,B
#
loop_
_chem_comp.id
_chem_comp.type
_chem_comp.name
_chem_comp.formula
GSH non-polymer GLUTATHIONE 'C10 H17 N3 O6 S'
#
# COMPACT_ATOMS: atom_id res chain seq x y z
N MET A 23 -15.16 14.04 16.36
CA MET A 23 -13.84 14.03 16.94
C MET A 23 -13.04 12.82 16.44
N ILE A 24 -11.81 13.07 16.02
N ILE A 24 -11.81 13.08 16.04
CA ILE A 24 -10.90 12.03 15.61
CA ILE A 24 -10.87 12.04 15.63
C ILE A 24 -9.77 11.91 16.64
C ILE A 24 -9.78 11.91 16.67
N ASP A 25 -9.55 10.70 17.14
CA ASP A 25 -8.36 10.41 17.93
C ASP A 25 -7.30 9.86 16.97
N LEU A 26 -6.14 10.48 16.97
CA LEU A 26 -5.03 10.03 16.18
C LEU A 26 -3.93 9.50 17.06
N TYR A 27 -3.71 8.19 16.96
CA TYR A 27 -2.64 7.48 17.64
C TYR A 27 -1.37 7.63 16.80
N PHE A 28 -0.35 8.24 17.39
CA PHE A 28 0.69 8.94 16.65
C PHE A 28 2.08 8.75 17.23
N ALA A 29 3.08 8.75 16.35
CA ALA A 29 4.45 8.97 16.71
C ALA A 29 5.04 9.88 15.64
N PRO A 30 6.03 10.71 15.99
CA PRO A 30 6.59 11.66 15.01
C PRO A 30 7.49 10.95 14.00
N THR A 31 6.86 10.42 12.97
CA THR A 31 7.47 9.58 11.95
C THR A 31 6.82 9.94 10.60
N PRO A 32 7.44 9.51 9.49
CA PRO A 32 6.81 9.85 8.21
C PRO A 32 5.37 9.38 8.09
N ASN A 33 5.06 8.19 8.60
CA ASN A 33 3.68 7.71 8.50
C ASN A 33 2.70 8.44 9.43
N GLY A 34 3.19 8.85 10.61
CA GLY A 34 2.38 9.68 11.51
C GLY A 34 2.03 11.03 10.89
N HIS A 35 3.04 11.69 10.31
CA HIS A 35 2.86 13.01 9.71
C HIS A 35 1.87 13.01 8.54
N LYS A 36 1.69 11.89 7.89
CA LYS A 36 0.72 11.83 6.81
C LYS A 36 -0.65 12.29 7.32
N ILE A 37 -1.01 11.80 8.51
CA ILE A 37 -2.35 11.99 8.99
C ILE A 37 -2.53 13.36 9.59
N THR A 38 -1.52 13.87 10.32
CA THR A 38 -1.61 15.23 10.80
C THR A 38 -1.70 16.21 9.64
N LEU A 39 -0.95 15.93 8.58
CA LEU A 39 -1.05 16.77 7.37
C LEU A 39 -2.48 16.83 6.87
N PHE A 40 -3.11 15.65 6.72
CA PHE A 40 -4.46 15.63 6.23
C PHE A 40 -5.42 16.39 7.15
N LEU A 41 -5.33 16.09 8.45
CA LEU A 41 -6.25 16.68 9.41
C LEU A 41 -6.12 18.20 9.47
N GLU A 42 -4.90 18.69 9.38
CA GLU A 42 -4.69 20.14 9.36
C GLU A 42 -5.20 20.72 8.05
N GLU A 43 -4.96 20.05 6.94
CA GLU A 43 -5.44 20.57 5.64
C GLU A 43 -6.96 20.59 5.57
N ALA A 44 -7.59 19.58 6.16
CA ALA A 44 -9.05 19.45 6.14
C ALA A 44 -9.73 20.26 7.21
N GLY A 45 -8.96 20.78 8.16
CA GLY A 45 -9.52 21.58 9.23
C GLY A 45 -10.36 20.77 10.19
N LEU A 46 -10.01 19.50 10.35
CA LEU A 46 -10.74 18.62 11.28
C LEU A 46 -10.17 18.75 12.69
N ASP A 47 -11.06 18.77 13.68
CA ASP A 47 -10.63 18.71 15.07
C ASP A 47 -10.16 17.30 15.37
N TYR A 48 -9.04 17.21 16.04
CA TYR A 48 -8.50 15.89 16.43
C TYR A 48 -7.69 15.97 17.71
N ARG A 49 -7.56 14.84 18.38
CA ARG A 49 -6.70 14.72 19.55
C ARG A 49 -5.51 13.85 19.20
N LEU A 50 -4.31 14.35 19.48
CA LEU A 50 -3.10 13.58 19.24
C LEU A 50 -2.76 12.75 20.46
N ILE A 51 -2.70 11.44 20.29
CA ILE A 51 -2.38 10.53 21.37
C ILE A 51 -1.04 9.88 21.05
N LYS A 52 -0.02 10.22 21.84
CA LYS A 52 1.33 9.78 21.53
C LYS A 52 1.49 8.32 21.89
N VAL A 53 1.99 7.52 20.97
CA VAL A 53 2.33 6.14 21.28
C VAL A 53 3.84 6.07 21.32
N ASP A 54 4.39 5.62 22.45
CA ASP A 54 5.83 5.56 22.61
C ASP A 54 6.37 4.28 22.01
N LEU A 55 6.87 4.38 20.78
CA LEU A 55 7.36 3.22 20.04
C LEU A 55 8.63 2.68 20.63
N GLY A 56 9.39 3.55 21.29
CA GLY A 56 10.65 3.15 21.89
C GLY A 56 10.46 2.29 23.12
N LYS A 57 9.32 2.46 23.77
CA LYS A 57 9.01 1.71 24.99
C LYS A 57 7.93 0.64 24.78
N GLY A 58 7.60 0.36 23.53
CA GLY A 58 6.68 -0.73 23.25
C GLY A 58 5.22 -0.41 23.49
N GLY A 59 4.89 0.87 23.46
CA GLY A 59 3.50 1.31 23.53
C GLY A 59 2.60 0.69 22.46
N GLN A 60 3.20 0.36 21.32
CA GLN A 60 2.41 -0.20 20.22
C GLN A 60 1.99 -1.66 20.44
N PHE A 61 2.48 -2.27 21.54
CA PHE A 61 2.12 -3.64 21.87
C PHE A 61 1.16 -3.73 23.06
N ARG A 62 0.70 -2.57 23.56
CA ARG A 62 -0.25 -2.62 24.67
C ARG A 62 -1.57 -3.25 24.18
N PRO A 63 -2.14 -4.16 24.97
CA PRO A 63 -3.36 -4.87 24.56
C PRO A 63 -4.47 -3.93 24.12
N GLU A 64 -4.66 -2.84 24.85
CA GLU A 64 -5.75 -1.92 24.49
C GLU A 64 -5.50 -1.22 23.15
N PHE A 65 -4.23 -1.03 22.80
CA PHE A 65 -3.90 -0.43 21.51
C PHE A 65 -4.02 -1.44 20.36
N LEU A 66 -3.63 -2.67 20.62
CA LEU A 66 -3.75 -3.73 19.63
C LEU A 66 -5.19 -3.95 19.19
N LEU A 67 -6.16 -3.64 20.03
CA LEU A 67 -7.56 -3.70 19.62
C LEU A 67 -7.88 -2.69 18.49
N ILE A 68 -7.20 -1.56 18.51
CA ILE A 68 -7.35 -0.47 17.53
C ILE A 68 -6.47 -0.75 16.32
N SER A 69 -5.26 -1.27 16.59
CA SER A 69 -4.24 -1.45 15.57
C SER A 69 -3.59 -2.82 15.74
N PRO A 70 -4.25 -3.89 15.22
CA PRO A 70 -3.74 -5.22 15.47
C PRO A 70 -2.40 -5.51 14.77
N ASN A 71 -1.95 -4.62 13.86
CA ASN A 71 -0.64 -4.76 13.21
C ASN A 71 0.48 -4.08 14.04
N ASN A 72 0.12 -3.64 15.24
CA ASN A 72 1.07 -3.03 16.20
C ASN A 72 1.85 -1.86 15.62
N LYS A 73 1.15 -1.03 14.85
CA LYS A 73 1.79 0.13 14.25
C LYS A 73 0.93 1.39 14.34
N ILE A 74 1.59 2.55 14.28
CA ILE A 74 0.92 3.82 14.06
C ILE A 74 1.15 4.21 12.58
N PRO A 75 0.30 5.10 12.04
CA PRO A 75 -0.86 5.73 12.68
C PRO A 75 -2.06 4.80 12.77
N ALA A 76 -2.93 5.10 13.73
CA ALA A 76 -4.26 4.54 13.77
C ALA A 76 -5.18 5.66 14.20
N ILE A 77 -6.41 5.65 13.72
CA ILE A 77 -7.42 6.60 14.23
C ILE A 77 -8.60 5.89 14.87
N VAL A 78 -9.29 6.64 15.72
CA VAL A 78 -10.62 6.27 16.17
C VAL A 78 -11.50 7.44 15.82
N ASP A 79 -12.48 7.20 14.97
CA ASP A 79 -13.46 8.21 14.57
C ASP A 79 -14.68 8.11 15.46
N HIS A 80 -14.87 9.12 16.28
CA HIS A 80 -16.01 9.14 17.20
C HIS A 80 -17.29 9.68 16.58
N SER A 81 -17.24 10.14 15.33
CA SER A 81 -18.48 10.54 14.67
C SER A 81 -18.53 9.94 13.27
N PRO A 82 -18.58 8.60 13.18
CA PRO A 82 -18.63 7.94 11.90
C PRO A 82 -19.92 8.29 11.16
N ALA A 83 -19.89 8.14 9.84
CA ALA A 83 -21.04 8.55 9.00
C ALA A 83 -22.30 7.80 9.32
N ASP A 84 -22.20 6.54 9.74
CA ASP A 84 -23.40 5.76 10.01
C ASP A 84 -24.01 6.05 11.39
N GLY A 85 -23.45 6.98 12.13
CA GLY A 85 -23.95 7.33 13.47
C GLY A 85 -23.75 6.27 14.54
N GLY A 86 -22.86 5.33 14.30
CA GLY A 86 -22.68 4.20 15.21
C GLY A 86 -21.53 4.36 16.22
N GLU A 87 -21.04 3.22 16.68
CA GLU A 87 -19.95 3.14 17.64
C GLU A 87 -18.63 3.65 17.04
N PRO A 88 -17.67 4.07 17.89
CA PRO A 88 -16.41 4.55 17.36
C PRO A 88 -15.78 3.60 16.36
N LEU A 89 -15.22 4.16 15.30
CA LEU A 89 -14.69 3.38 14.23
C LEU A 89 -13.20 3.48 14.26
N SER A 90 -12.53 2.34 14.48
CA SER A 90 -11.08 2.32 14.51
C SER A 90 -10.52 1.92 13.15
N LEU A 91 -9.37 2.48 12.81
CA LEU A 91 -8.74 2.20 11.53
C LEU A 91 -7.25 2.34 11.59
N PHE A 92 -6.50 1.34 11.10
CA PHE A 92 -5.06 1.49 10.93
C PHE A 92 -4.72 1.42 9.43
N GLU A 93 -3.43 1.62 9.15
CA GLU A 93 -2.83 1.82 7.80
C GLU A 93 -3.06 3.24 7.31
N SER A 94 -1.97 4.01 7.24
CA SER A 94 -2.04 5.40 6.85
C SER A 94 -2.80 5.60 5.53
N GLY A 95 -2.61 4.69 4.57
CA GLY A 95 -3.29 4.80 3.29
C GLY A 95 -4.81 4.61 3.38
N ALA A 96 -5.24 3.65 4.21
CA ALA A 96 -6.65 3.43 4.45
C ALA A 96 -7.27 4.61 5.20
N ILE A 97 -6.52 5.19 6.14
CA ILE A 97 -6.95 6.33 6.89
C ILE A 97 -7.14 7.54 5.97
N LEU A 98 -6.16 7.80 5.12
CA LEU A 98 -6.26 8.91 4.19
C LEU A 98 -7.48 8.74 3.29
N LEU A 99 -7.69 7.54 2.80
CA LEU A 99 -8.77 7.28 1.87
C LEU A 99 -10.12 7.42 2.59
N TYR A 100 -10.20 6.84 3.79
CA TYR A 100 -11.38 6.98 4.60
C TYR A 100 -11.74 8.41 4.88
N LEU A 101 -10.75 9.21 5.31
CA LEU A 101 -11.04 10.58 5.66
C LEU A 101 -11.35 11.41 4.43
N ALA A 102 -10.72 11.08 3.32
CA ALA A 102 -10.98 11.78 2.06
C ALA A 102 -12.39 11.51 1.60
N GLU A 103 -12.84 10.25 1.71
CA GLU A 103 -14.19 9.91 1.34
C GLU A 103 -15.20 10.55 2.28
N LYS A 104 -14.86 10.58 3.57
CA LYS A 104 -15.76 11.13 4.55
C LYS A 104 -15.99 12.62 4.35
N THR A 105 -14.90 13.36 4.14
CA THR A 105 -14.94 14.81 4.05
C THR A 105 -15.19 15.34 2.64
N GLY A 106 -14.95 14.52 1.63
CA GLY A 106 -15.03 14.97 0.25
C GLY A 106 -13.82 15.76 -0.17
N LEU A 107 -12.77 15.75 0.65
CA LEU A 107 -11.59 16.59 0.41
C LEU A 107 -10.35 15.75 0.01
N PHE A 108 -9.55 16.31 -0.90
CA PHE A 108 -8.24 15.75 -1.28
C PHE A 108 -8.31 14.38 -1.96
N LEU A 109 -9.47 14.09 -2.52
CA LEU A 109 -9.62 12.96 -3.43
C LEU A 109 -10.78 13.26 -4.35
N SER A 110 -10.49 13.33 -5.64
CA SER A 110 -11.49 13.64 -6.64
C SER A 110 -12.53 12.53 -6.77
N HIS A 111 -13.75 12.93 -7.11
CA HIS A 111 -14.80 11.97 -7.48
C HIS A 111 -14.79 11.70 -8.99
N GLU A 112 -14.08 12.53 -9.75
CA GLU A 112 -14.02 12.34 -11.20
C GLU A 112 -13.10 11.15 -11.51
N THR A 113 -13.52 10.28 -12.42
CA THR A 113 -12.88 8.97 -12.52
C THR A 113 -11.40 9.00 -12.88
N ARG A 114 -10.99 9.88 -13.79
CA ARG A 114 -9.58 9.94 -14.22
C ARG A 114 -8.67 10.43 -13.10
N GLU A 115 -9.03 11.57 -12.52
CA GLU A 115 -8.21 12.14 -11.45
C GLU A 115 -8.22 11.19 -10.23
N ARG A 116 -9.37 10.60 -9.97
CA ARG A 116 -9.49 9.68 -8.83
C ARG A 116 -8.59 8.46 -9.05
N ALA A 117 -8.65 7.86 -10.24
CA ALA A 117 -7.77 6.74 -10.56
C ALA A 117 -6.29 7.11 -10.43
N ALA A 118 -5.90 8.25 -10.97
CA ALA A 118 -4.48 8.65 -10.93
C ALA A 118 -4.05 8.88 -9.49
N THR A 119 -4.95 9.48 -8.70
CA THR A 119 -4.65 9.76 -7.31
C THR A 119 -4.42 8.46 -6.52
N LEU A 120 -5.31 7.50 -6.71
CA LEU A 120 -5.23 6.22 -6.04
C LEU A 120 -3.98 5.45 -6.49
N GLN A 121 -3.68 5.52 -7.77
CA GLN A 121 -2.46 4.92 -8.30
C GLN A 121 -1.24 5.35 -7.52
N TRP A 122 -1.06 6.66 -7.37
CA TRP A 122 0.12 7.18 -6.69
C TRP A 122 0.06 6.94 -5.19
N LEU A 123 -1.14 6.94 -4.60
CA LEU A 123 -1.28 6.61 -3.18
C LEU A 123 -0.80 5.17 -2.91
N PHE A 124 -1.30 4.21 -3.70
CA PHE A 124 -0.88 2.85 -3.52
C PHE A 124 0.61 2.66 -3.86
N TRP A 125 1.12 3.42 -4.82
CA TRP A 125 2.56 3.35 -5.14
C TRP A 125 3.39 3.79 -3.91
N GLN A 126 2.92 4.81 -3.21
CA GLN A 126 3.59 5.25 -1.98
C GLN A 126 3.55 4.13 -0.95
N VAL A 127 2.36 3.55 -0.76
CA VAL A 127 2.20 2.57 0.32
C VAL A 127 3.03 1.33 0.05
N GLY A 128 3.07 0.90 -1.20
CA GLY A 128 3.72 -0.37 -1.55
C GLY A 128 5.17 -0.23 -1.96
N GLY A 129 5.60 0.98 -2.29
CA GLY A 129 6.94 1.19 -2.82
C GLY A 129 7.76 2.19 -2.04
N LEU A 130 7.34 3.45 -2.10
CA LEU A 130 8.12 4.54 -1.49
C LEU A 130 8.36 4.33 0.03
N GLY A 131 7.28 4.10 0.75
CA GLY A 131 7.38 3.91 2.20
C GLY A 131 8.22 2.71 2.57
N PRO A 132 7.82 1.53 2.09
CA PRO A 132 8.57 0.31 2.48
C PRO A 132 10.05 0.35 2.10
N MET A 133 10.38 0.84 0.91
CA MET A 133 11.76 0.79 0.47
C MET A 133 12.61 1.85 1.15
N LEU A 134 12.08 3.04 1.29
CA LEU A 134 12.84 4.08 2.01
C LEU A 134 13.01 3.66 3.47
N GLY A 135 11.99 2.95 3.98
CA GLY A 135 12.08 2.43 5.34
C GLY A 135 13.22 1.43 5.49
N GLN A 136 13.44 0.60 4.47
CA GLN A 136 14.55 -0.35 4.54
C GLN A 136 15.89 0.37 4.42
N ASN A 137 15.92 1.42 3.58
CA ASN A 137 17.06 2.31 3.48
C ASN A 137 17.41 2.82 4.87
N HIS A 138 16.42 3.41 5.56
CA HIS A 138 16.66 3.91 6.93
C HIS A 138 17.22 2.83 7.83
N HIS A 139 16.63 1.64 7.76
CA HIS A 139 17.02 0.57 8.66
C HIS A 139 18.47 0.16 8.48
N PHE A 140 18.86 -0.15 7.25
CA PHE A 140 20.20 -0.67 7.01
C PHE A 140 21.28 0.40 7.15
N ASN A 141 20.91 1.66 6.98
CA ASN A 141 21.90 2.74 7.16
C ASN A 141 22.03 3.22 8.58
N HIS A 142 20.96 3.14 9.37
CA HIS A 142 20.96 3.79 10.69
C HIS A 142 20.64 2.90 11.88
N ALA A 143 19.84 1.86 11.68
CA ALA A 143 19.39 1.06 12.81
C ALA A 143 20.05 -0.30 12.90
N ALA A 144 20.48 -0.86 11.79
CA ALA A 144 21.07 -2.20 11.79
C ALA A 144 22.35 -2.23 12.61
N PRO A 145 22.57 -3.29 13.38
CA PRO A 145 23.75 -3.34 14.26
C PRO A 145 25.03 -3.61 13.50
N GLN A 146 24.93 -4.00 12.24
CA GLN A 146 26.10 -4.28 11.43
C GLN A 146 25.91 -3.57 10.08
N THR A 147 27.03 -3.20 9.47
CA THR A 147 27.00 -2.59 8.15
C THR A 147 26.99 -3.69 7.11
N ILE A 148 25.96 -3.71 6.29
CA ILE A 148 25.76 -4.78 5.31
C ILE A 148 25.72 -4.16 3.90
N PRO A 149 26.86 -4.09 3.22
CA PRO A 149 26.92 -3.35 1.97
C PRO A 149 25.97 -3.82 0.88
N TYR A 150 25.72 -5.12 0.77
CA TYR A 150 24.80 -5.62 -0.23
C TYR A 150 23.39 -5.04 -0.02
N ALA A 151 22.94 -5.05 1.22
CA ALA A 151 21.60 -4.58 1.55
C ALA A 151 21.51 -3.07 1.41
N ILE A 152 22.56 -2.39 1.89
CA ILE A 152 22.62 -0.94 1.83
C ILE A 152 22.53 -0.50 0.37
N GLU A 153 23.28 -1.18 -0.49
CA GLU A 153 23.31 -0.87 -1.90
C GLU A 153 21.97 -1.18 -2.57
N ARG A 154 21.40 -2.33 -2.24
CA ARG A 154 20.10 -2.72 -2.77
C ARG A 154 19.04 -1.63 -2.52
N TYR A 155 18.96 -1.14 -1.29
CA TYR A 155 17.90 -0.18 -0.97
C TYR A 155 18.29 1.22 -1.40
N GLN A 156 19.57 1.47 -1.56
CA GLN A 156 20.02 2.76 -2.10
C GLN A 156 19.64 2.90 -3.57
N VAL A 157 19.98 1.88 -4.34
CA VAL A 157 19.60 1.89 -5.75
C VAL A 157 18.06 1.96 -5.92
N GLU A 158 17.31 1.24 -5.10
CA GLU A 158 15.86 1.27 -5.18
C GLU A 158 15.29 2.64 -4.77
N THR A 159 15.91 3.25 -3.76
CA THR A 159 15.52 4.59 -3.33
C THR A 159 15.69 5.59 -4.47
N GLN A 160 16.83 5.54 -5.15
CA GLN A 160 17.08 6.39 -6.30
C GLN A 160 16.09 6.13 -7.44
N ARG A 161 15.76 4.86 -7.66
CA ARG A 161 14.77 4.52 -8.70
C ARG A 161 13.45 5.19 -8.36
N LEU A 162 13.04 5.10 -7.10
CA LEU A 162 11.75 5.64 -6.70
C LEU A 162 11.71 7.17 -6.82
N TYR A 163 12.82 7.83 -6.48
CA TYR A 163 12.87 9.27 -6.61
C TYR A 163 12.83 9.67 -8.08
N HIS A 164 13.46 8.85 -8.92
CA HIS A 164 13.42 9.09 -10.37
C HIS A 164 12.01 8.97 -10.93
N VAL A 165 11.27 7.93 -10.51
CA VAL A 165 9.89 7.77 -10.93
C VAL A 165 9.04 8.94 -10.45
N LEU A 166 9.24 9.32 -9.20
CA LEU A 166 8.46 10.39 -8.61
C LEU A 166 8.73 11.71 -9.34
N ASN A 167 10.00 11.97 -9.59
CA ASN A 167 10.44 13.15 -10.33
C ASN A 167 9.84 13.22 -11.74
N LYS A 168 9.84 12.09 -12.43
CA LYS A 168 9.31 12.08 -13.81
C LYS A 168 7.81 12.43 -13.77
N ARG A 169 7.09 11.94 -12.79
CA ARG A 169 5.68 12.28 -12.70
C ARG A 169 5.49 13.76 -12.41
N LEU A 170 6.26 14.28 -11.46
CA LEU A 170 6.11 15.66 -11.04
C LEU A 170 6.60 16.67 -12.09
N GLU A 171 7.41 16.19 -13.02
CA GLU A 171 7.77 17.00 -14.19
C GLU A 171 6.59 17.16 -15.15
N ASN A 172 5.59 16.29 -15.02
CA ASN A 172 4.52 16.21 -16.00
C ASN A 172 3.20 16.74 -15.46
N SER A 173 3.16 16.94 -14.15
CA SER A 173 1.94 17.37 -13.47
C SER A 173 2.33 18.13 -12.21
N PRO A 174 1.55 19.16 -11.84
CA PRO A 174 1.84 19.93 -10.62
C PRO A 174 1.78 19.07 -9.39
N TRP A 175 0.82 18.17 -9.38
CA TRP A 175 0.61 17.28 -8.25
C TRP A 175 0.49 15.84 -8.75
N LEU A 176 0.64 14.86 -7.85
CA LEU A 176 0.69 13.48 -8.30
C LEU A 176 -0.56 13.03 -9.03
N GLY A 177 -1.72 13.46 -8.55
CA GLY A 177 -2.97 12.94 -9.09
C GLY A 177 -3.58 13.75 -10.21
N GLY A 178 -2.98 14.89 -10.50
CA GLY A 178 -3.51 15.84 -11.48
C GLY A 178 -3.25 17.27 -11.06
N GLU A 179 -4.26 18.14 -11.28
CA GLU A 179 -4.11 19.56 -11.03
C GLU A 179 -4.35 19.96 -9.59
N ASN A 180 -4.79 19.00 -8.76
CA ASN A 180 -5.16 19.30 -7.38
C ASN A 180 -4.34 18.50 -6.38
N TYR A 181 -3.89 19.18 -5.33
CA TYR A 181 -3.27 18.56 -4.19
C TYR A 181 -4.21 17.49 -3.66
N SER A 182 -3.67 16.34 -3.30
CA SER A 182 -4.48 15.20 -2.89
C SER A 182 -3.79 14.31 -1.88
N ILE A 183 -4.52 13.27 -1.46
CA ILE A 183 -3.96 12.33 -0.50
C ILE A 183 -2.75 11.60 -1.03
N ALA A 184 -2.59 11.53 -2.35
CA ALA A 184 -1.34 10.97 -2.89
C ALA A 184 -0.13 11.85 -2.51
N ASP A 185 -0.23 13.16 -2.67
CA ASP A 185 0.89 14.04 -2.30
C ASP A 185 1.13 13.98 -0.79
N ILE A 186 0.03 14.02 -0.04
CA ILE A 186 0.11 13.97 1.40
C ILE A 186 0.80 12.70 1.86
N ALA A 187 0.47 11.57 1.25
CA ALA A 187 1.13 10.31 1.62
C ALA A 187 2.64 10.33 1.33
N CYS A 188 3.03 10.90 0.20
CA CYS A 188 4.45 10.86 -0.19
C CYS A 188 5.33 11.87 0.58
N TRP A 189 4.78 13.02 0.90
CA TRP A 189 5.61 14.15 1.36
C TRP A 189 6.46 13.82 2.60
N PRO A 190 5.88 13.17 3.62
CA PRO A 190 6.69 13.00 4.83
C PRO A 190 7.89 12.08 4.59
N TRP A 191 7.75 11.19 3.64
CA TRP A 191 8.86 10.31 3.27
C TRP A 191 9.93 11.05 2.48
N VAL A 192 9.49 11.88 1.55
CA VAL A 192 10.42 12.73 0.83
C VAL A 192 11.08 13.72 1.82
N ASN A 193 10.32 14.16 2.80
CA ASN A 193 10.88 15.05 3.81
C ASN A 193 11.99 14.44 4.61
N ALA A 194 12.06 13.12 4.60
CA ALA A 194 13.14 12.38 5.28
C ALA A 194 14.33 12.10 4.36
N TRP A 195 14.39 12.77 3.22
CA TRP A 195 15.48 12.57 2.27
C TRP A 195 16.86 12.69 2.89
N THR A 196 16.95 13.54 3.90
CA THR A 196 18.19 13.83 4.61
C THR A 196 18.79 12.59 5.29
N ARG A 197 17.94 11.60 5.58
CA ARG A 197 18.35 10.31 6.18
C ARG A 197 18.65 9.23 5.14
N GLN A 198 18.34 9.50 3.87
CA GLN A 198 18.35 8.48 2.81
C GLN A 198 19.55 8.50 1.87
N ARG A 199 20.52 9.37 2.14
CA ARG A 199 21.76 9.49 1.34
C ARG A 199 21.39 9.86 -0.09
N ILE A 200 20.37 10.70 -0.19
CA ILE A 200 19.84 11.21 -1.45
C ILE A 200 20.23 12.68 -1.59
N ASP A 201 20.62 13.09 -2.79
CA ASP A 201 20.74 14.50 -3.09
C ASP A 201 19.44 14.99 -3.75
N LEU A 202 18.60 15.66 -2.99
CA LEU A 202 17.30 16.07 -3.48
C LEU A 202 17.37 17.00 -4.68
N ALA A 203 18.47 17.73 -4.81
CA ALA A 203 18.66 18.61 -5.97
C ALA A 203 18.81 17.86 -7.28
N MET A 204 19.10 16.56 -7.20
CA MET A 204 19.18 15.72 -8.39
C MET A 204 17.80 15.40 -8.96
N TYR A 205 16.76 15.72 -8.20
CA TYR A 205 15.39 15.48 -8.59
C TYR A 205 14.63 16.82 -8.47
N PRO A 206 14.84 17.72 -9.41
CA PRO A 206 14.36 19.10 -9.24
C PRO A 206 12.86 19.24 -9.09
N ALA A 207 12.08 18.44 -9.80
CA ALA A 207 10.63 18.52 -9.66
C ALA A 207 10.21 18.06 -8.26
N VAL A 208 10.88 17.03 -7.75
CA VAL A 208 10.56 16.55 -6.38
C VAL A 208 10.94 17.65 -5.40
N LYS A 209 12.12 18.24 -5.61
CA LYS A 209 12.59 19.32 -4.73
C LYS A 209 11.61 20.47 -4.66
N ASN A 210 11.12 20.91 -5.80
CA ASN A 210 10.17 22.05 -5.84
C ASN A 210 8.82 21.70 -5.19
N TRP A 211 8.35 20.48 -5.44
CA TRP A 211 7.11 19.98 -4.87
C TRP A 211 7.24 19.83 -3.35
N HIS A 212 8.39 19.35 -2.92
CA HIS A 212 8.64 19.19 -1.48
C HIS A 212 8.61 20.56 -0.79
N GLU A 213 9.26 21.53 -1.42
CA GLU A 213 9.29 22.90 -0.91
C GLU A 213 7.88 23.50 -0.89
N ARG A 214 7.14 23.30 -1.98
CA ARG A 214 5.79 23.85 -2.10
C ARG A 214 4.91 23.36 -0.96
N ILE A 215 4.93 22.04 -0.73
CA ILE A 215 4.09 21.47 0.33
C ILE A 215 4.58 21.96 1.71
N ARG A 216 5.89 22.06 1.89
CA ARG A 216 6.43 22.53 3.17
C ARG A 216 5.91 23.93 3.48
N SER A 217 5.75 24.74 2.44
CA SER A 217 5.27 26.10 2.61
C SER A 217 3.75 26.25 2.85
N ARG A 218 2.99 25.18 2.67
CA ARG A 218 1.56 25.27 2.96
C ARG A 218 1.40 25.43 4.47
N PRO A 219 0.50 26.31 4.90
CA PRO A 219 0.32 26.56 6.33
C PRO A 219 -0.04 25.29 7.12
N ALA A 220 -0.83 24.39 6.53
CA ALA A 220 -1.22 23.20 7.25
C ALA A 220 0.01 22.33 7.58
N THR A 221 0.98 22.33 6.69
CA THR A 221 2.16 21.50 6.90
C THR A 221 2.92 22.01 8.12
N GLY A 222 3.10 23.32 8.20
CA GLY A 222 3.73 23.91 9.38
C GLY A 222 2.95 23.62 10.66
N GLN A 223 1.61 23.69 10.58
CA GLN A 223 0.78 23.37 11.77
C GLN A 223 0.99 21.91 12.21
N ALA A 224 1.05 20.99 11.24
CA ALA A 224 1.24 19.55 11.52
C ALA A 224 2.59 19.26 12.18
N LEU A 225 3.64 19.89 11.67
CA LEU A 225 4.97 19.72 12.22
C LEU A 225 5.07 20.26 13.64
N LEU A 226 4.41 21.39 13.90
CA LEU A 226 4.48 22.00 15.23
C LEU A 226 3.79 21.07 16.22
N LYS A 227 2.68 20.47 15.80
CA LYS A 227 1.98 19.50 16.65
C LYS A 227 2.86 18.29 17.00
N ALA A 228 3.63 17.80 16.03
CA ALA A 228 4.55 16.70 16.24
C ALA A 228 5.49 16.98 17.41
N GLN A 229 5.64 18.25 17.76
CA GLN A 229 6.51 18.62 18.87
C GLN A 229 5.80 18.42 20.21
N MET B 23 -13.69 -4.11 -22.32
CA MET B 23 -12.44 -4.89 -22.48
C MET B 23 -11.33 -4.30 -21.60
N ILE B 24 -10.74 -5.18 -20.82
CA ILE B 24 -9.61 -4.86 -19.98
C ILE B 24 -8.38 -5.55 -20.56
N ASP B 25 -7.33 -4.79 -20.81
CA ASP B 25 -6.04 -5.38 -21.09
C ASP B 25 -5.27 -5.48 -19.77
N LEU B 26 -4.78 -6.67 -19.47
CA LEU B 26 -3.97 -6.90 -18.26
C LEU B 26 -2.55 -7.25 -18.66
N TYR B 27 -1.63 -6.34 -18.30
CA TYR B 27 -0.19 -6.56 -18.49
C TYR B 27 0.31 -7.35 -17.30
N PHE B 28 0.91 -8.51 -17.56
CA PHE B 28 0.94 -9.59 -16.60
C PHE B 28 2.24 -10.38 -16.64
N ALA B 29 2.64 -10.87 -15.46
CA ALA B 29 3.63 -11.95 -15.35
C ALA B 29 3.11 -12.87 -14.25
N PRO B 30 3.42 -14.17 -14.33
CA PRO B 30 2.89 -15.14 -13.36
C PRO B 30 3.62 -14.97 -12.04
N THR B 31 3.12 -14.05 -11.25
CA THR B 31 3.71 -13.64 -9.99
C THR B 31 2.58 -13.43 -9.00
N PRO B 32 2.91 -13.28 -7.71
CA PRO B 32 1.80 -13.01 -6.75
C PRO B 32 1.01 -11.75 -7.10
N ASN B 33 1.68 -10.68 -7.54
CA ASN B 33 0.93 -9.46 -7.81
C ASN B 33 0.12 -9.56 -9.12
N GLY B 34 0.66 -10.29 -10.07
CA GLY B 34 -0.08 -10.55 -11.32
C GLY B 34 -1.35 -11.35 -11.07
N HIS B 35 -1.22 -12.42 -10.29
CA HIS B 35 -2.35 -13.26 -9.92
C HIS B 35 -3.45 -12.55 -9.13
N LYS B 36 -3.14 -11.47 -8.42
CA LYS B 36 -4.19 -10.70 -7.75
C LYS B 36 -5.26 -10.30 -8.74
N ILE B 37 -4.81 -9.85 -9.91
CA ILE B 37 -5.73 -9.23 -10.83
C ILE B 37 -6.47 -10.29 -11.66
N THR B 38 -5.80 -11.37 -12.04
CA THR B 38 -6.54 -12.47 -12.70
C THR B 38 -7.60 -13.05 -11.75
N LEU B 39 -7.27 -13.17 -10.48
CA LEU B 39 -8.26 -13.61 -9.50
C LEU B 39 -9.48 -12.74 -9.54
N PHE B 40 -9.29 -11.43 -9.45
CA PHE B 40 -10.42 -10.52 -9.47
C PHE B 40 -11.24 -10.66 -10.75
N LEU B 41 -10.55 -10.63 -11.90
CA LEU B 41 -11.25 -10.62 -13.17
C LEU B 41 -12.06 -11.89 -13.35
N GLU B 42 -11.51 -13.01 -12.92
CA GLU B 42 -12.27 -14.28 -13.00
C GLU B 42 -13.43 -14.29 -12.01
N GLU B 43 -13.22 -13.76 -10.81
CA GLU B 43 -14.28 -13.71 -9.81
C GLU B 43 -15.41 -12.81 -10.27
N ALA B 44 -15.04 -11.71 -10.94
CA ALA B 44 -16.03 -10.72 -11.38
C ALA B 44 -16.67 -11.10 -12.71
N GLY B 45 -16.08 -12.06 -13.40
CA GLY B 45 -16.60 -12.47 -14.71
C GLY B 45 -16.36 -11.43 -15.80
N LEU B 46 -15.30 -10.65 -15.68
CA LEU B 46 -14.97 -9.63 -16.66
C LEU B 46 -14.13 -10.23 -17.78
N ASP B 47 -14.41 -9.81 -19.00
CA ASP B 47 -13.59 -10.22 -20.15
C ASP B 47 -12.30 -9.45 -20.11
N TYR B 48 -11.20 -10.16 -20.34
CA TYR B 48 -9.92 -9.50 -20.40
C TYR B 48 -8.97 -10.18 -21.33
N ARG B 49 -7.97 -9.43 -21.76
CA ARG B 49 -6.90 -9.98 -22.59
C ARG B 49 -5.64 -10.00 -21.74
N LEU B 50 -4.99 -11.16 -21.65
CA LEU B 50 -3.73 -11.24 -20.92
C LEU B 50 -2.59 -10.89 -21.85
N ILE B 51 -1.80 -9.89 -21.48
CA ILE B 51 -0.64 -9.50 -22.26
C ILE B 51 0.60 -9.79 -21.44
N LYS B 52 1.38 -10.76 -21.88
CA LYS B 52 2.52 -11.22 -21.06
C LYS B 52 3.66 -10.22 -21.15
N VAL B 53 4.18 -9.79 -20.01
CA VAL B 53 5.37 -8.97 -20.00
C VAL B 53 6.51 -9.83 -19.50
N ASP B 54 7.56 -9.95 -20.31
CA ASP B 54 8.67 -10.82 -19.97
C ASP B 54 9.63 -10.10 -19.04
N LEU B 55 9.48 -10.34 -17.72
CA LEU B 55 10.29 -9.63 -16.73
C LEU B 55 11.74 -10.07 -16.81
N GLY B 56 11.96 -11.28 -17.27
CA GLY B 56 13.31 -11.83 -17.36
C GLY B 56 14.13 -11.16 -18.45
N LYS B 57 13.44 -10.65 -19.45
CA LYS B 57 14.11 -10.02 -20.60
C LYS B 57 13.93 -8.49 -20.62
N GLY B 58 13.41 -7.93 -19.54
CA GLY B 58 13.33 -6.48 -19.42
C GLY B 58 12.16 -5.87 -20.17
N GLY B 59 11.13 -6.68 -20.41
CA GLY B 59 9.92 -6.17 -21.05
C GLY B 59 9.28 -5.02 -20.29
N GLN B 60 9.51 -4.97 -18.98
CA GLN B 60 8.91 -3.92 -18.16
C GLN B 60 9.58 -2.56 -18.33
N PHE B 61 10.66 -2.50 -19.11
CA PHE B 61 11.36 -1.25 -19.38
C PHE B 61 11.11 -0.73 -20.81
N ARG B 62 10.27 -1.42 -21.58
CA ARG B 62 10.02 -0.96 -22.94
C ARG B 62 9.30 0.40 -22.90
N PRO B 63 9.71 1.34 -23.74
CA PRO B 63 9.11 2.68 -23.72
C PRO B 63 7.58 2.67 -23.84
N GLU B 64 7.02 1.84 -24.70
CA GLU B 64 5.57 1.82 -24.82
C GLU B 64 4.90 1.32 -23.55
N PHE B 65 5.59 0.45 -22.80
CA PHE B 65 5.02 -0.07 -21.58
C PHE B 65 5.16 0.93 -20.42
N LEU B 66 6.27 1.65 -20.38
CA LEU B 66 6.51 2.66 -19.37
C LEU B 66 5.45 3.78 -19.43
N LEU B 67 4.86 3.99 -20.61
CA LEU B 67 3.75 4.94 -20.69
C LEU B 67 2.54 4.49 -19.89
N ILE B 68 2.34 3.19 -19.80
CA ILE B 68 1.20 2.58 -19.09
C ILE B 68 1.57 2.40 -17.62
N SER B 69 2.81 1.98 -17.39
CA SER B 69 3.29 1.66 -16.06
C SER B 69 4.65 2.34 -15.82
N PRO B 70 4.62 3.62 -15.45
CA PRO B 70 5.90 4.34 -15.32
C PRO B 70 6.77 3.85 -14.16
N ASN B 71 6.22 3.00 -13.28
CA ASN B 71 7.02 2.40 -12.22
C ASN B 71 7.74 1.12 -12.68
N ASN B 72 7.62 0.83 -13.97
CA ASN B 72 8.29 -0.33 -14.60
C ASN B 72 7.92 -1.66 -13.95
N LYS B 73 6.65 -1.79 -13.56
CA LYS B 73 6.22 -3.03 -12.94
C LYS B 73 4.87 -3.53 -13.45
N ILE B 74 4.67 -4.84 -13.35
CA ILE B 74 3.33 -5.40 -13.49
C ILE B 74 2.77 -5.69 -12.10
N PRO B 75 1.44 -5.83 -11.99
CA PRO B 75 0.44 -5.69 -13.04
C PRO B 75 0.15 -4.23 -13.44
N ALA B 76 -0.35 -4.06 -14.66
CA ALA B 76 -0.96 -2.80 -15.10
C ALA B 76 -2.15 -3.14 -15.96
N ILE B 77 -3.19 -2.31 -15.93
CA ILE B 77 -4.28 -2.52 -16.85
C ILE B 77 -4.49 -1.31 -17.74
N VAL B 78 -5.12 -1.57 -18.87
CA VAL B 78 -5.70 -0.52 -19.69
C VAL B 78 -7.18 -0.87 -19.83
N ASP B 79 -8.04 0.05 -19.38
CA ASP B 79 -9.47 -0.11 -19.46
C ASP B 79 -9.97 0.64 -20.70
N HIS B 80 -10.46 -0.12 -21.69
CA HIS B 80 -10.92 0.44 -22.94
C HIS B 80 -12.36 0.95 -22.91
N SER B 81 -13.08 0.72 -21.82
CA SER B 81 -14.42 1.28 -21.70
C SER B 81 -14.57 1.89 -20.30
N PRO B 82 -13.81 2.95 -20.03
CA PRO B 82 -13.89 3.61 -18.73
C PRO B 82 -15.29 4.22 -18.53
N ALA B 83 -15.64 4.50 -17.28
CA ALA B 83 -17.02 4.96 -16.96
C ALA B 83 -17.33 6.31 -17.57
N ASP B 84 -16.32 7.14 -17.76
CA ASP B 84 -16.54 8.48 -18.31
C ASP B 84 -16.70 8.48 -19.83
N GLY B 85 -16.67 7.31 -20.47
CA GLY B 85 -16.79 7.21 -21.93
C GLY B 85 -15.61 7.77 -22.72
N GLY B 86 -14.50 7.98 -22.05
CA GLY B 86 -13.35 8.63 -22.67
C GLY B 86 -12.27 7.69 -23.23
N GLU B 87 -11.06 8.22 -23.30
CA GLU B 87 -9.92 7.49 -23.85
C GLU B 87 -9.51 6.32 -22.94
N PRO B 88 -8.74 5.36 -23.46
CA PRO B 88 -8.34 4.24 -22.61
C PRO B 88 -7.69 4.71 -21.34
N LEU B 89 -8.02 4.06 -20.24
CA LEU B 89 -7.52 4.47 -18.92
C LEU B 89 -6.49 3.46 -18.46
N SER B 90 -5.26 3.92 -18.30
CA SER B 90 -4.19 3.06 -17.84
C SER B 90 -4.03 3.19 -16.31
N LEU B 91 -3.67 2.09 -15.67
CA LEU B 91 -3.51 2.06 -14.23
C LEU B 91 -2.47 1.03 -13.80
N PHE B 92 -1.55 1.42 -12.93
CA PHE B 92 -0.64 0.45 -12.31
C PHE B 92 -0.86 0.49 -10.79
N GLU B 93 -0.16 -0.42 -10.11
CA GLU B 93 -0.36 -0.80 -8.69
C GLU B 93 -1.55 -1.72 -8.51
N SER B 94 -1.26 -2.96 -8.16
CA SER B 94 -2.26 -4.00 -7.99
C SER B 94 -3.36 -3.54 -7.03
N GLY B 95 -3.01 -2.79 -5.98
CA GLY B 95 -4.03 -2.37 -5.06
C GLY B 95 -4.97 -1.31 -5.64
N ALA B 96 -4.41 -0.39 -6.42
CA ALA B 96 -5.26 0.62 -7.09
C ALA B 96 -6.11 -0.05 -8.16
N ILE B 97 -5.55 -1.04 -8.83
CA ILE B 97 -6.33 -1.77 -9.86
C ILE B 97 -7.53 -2.50 -9.22
N LEU B 98 -7.27 -3.19 -8.11
CA LEU B 98 -8.35 -3.89 -7.41
C LEU B 98 -9.45 -2.91 -6.98
N LEU B 99 -9.03 -1.77 -6.43
CA LEU B 99 -9.97 -0.80 -5.92
C LEU B 99 -10.76 -0.20 -7.07
N TYR B 100 -10.04 0.16 -8.13
CA TYR B 100 -10.67 0.71 -9.33
C TYR B 100 -11.72 -0.25 -9.93
N LEU B 101 -11.35 -1.50 -10.06
CA LEU B 101 -12.27 -2.46 -10.68
C LEU B 101 -13.44 -2.77 -9.72
N ALA B 102 -13.18 -2.74 -8.41
CA ALA B 102 -14.23 -2.99 -7.43
C ALA B 102 -15.24 -1.86 -7.46
N GLU B 103 -14.74 -0.62 -7.57
CA GLU B 103 -15.64 0.54 -7.63
C GLU B 103 -16.41 0.53 -8.94
N LYS B 104 -15.73 0.17 -10.02
CA LYS B 104 -16.39 0.15 -11.32
C LYS B 104 -17.51 -0.88 -11.40
N THR B 105 -17.23 -2.09 -10.90
CA THR B 105 -18.20 -3.19 -11.03
C THR B 105 -19.19 -3.26 -9.88
N GLY B 106 -18.86 -2.65 -8.75
CA GLY B 106 -19.65 -2.80 -7.53
C GLY B 106 -19.41 -4.12 -6.82
N LEU B 107 -18.36 -4.85 -7.23
CA LEU B 107 -18.11 -6.20 -6.71
C LEU B 107 -16.88 -6.26 -5.81
N PHE B 108 -16.97 -7.06 -4.75
CA PHE B 108 -15.83 -7.38 -3.86
C PHE B 108 -15.29 -6.19 -3.08
N LEU B 109 -16.15 -5.17 -2.91
CA LEU B 109 -15.87 -4.08 -1.97
C LEU B 109 -17.20 -3.47 -1.56
N SER B 110 -17.50 -3.55 -0.27
CA SER B 110 -18.75 -3.04 0.24
C SER B 110 -18.86 -1.52 0.10
N HIS B 111 -20.09 -1.05 -0.07
CA HIS B 111 -20.41 0.38 0.09
C HIS B 111 -20.79 0.78 1.53
N GLU B 112 -21.11 -0.20 2.36
CA GLU B 112 -21.44 0.08 3.76
C GLU B 112 -20.16 0.51 4.49
N THR B 113 -20.26 1.58 5.26
CA THR B 113 -19.04 2.24 5.73
C THR B 113 -18.14 1.38 6.62
N ARG B 114 -18.71 0.56 7.49
CA ARG B 114 -17.87 -0.28 8.36
C ARG B 114 -17.09 -1.35 7.60
N GLU B 115 -17.82 -2.12 6.76
CA GLU B 115 -17.20 -3.20 6.04
C GLU B 115 -16.21 -2.64 5.00
N ARG B 116 -16.57 -1.54 4.39
CA ARG B 116 -15.69 -0.86 3.45
C ARG B 116 -14.39 -0.44 4.11
N ALA B 117 -14.49 0.17 5.29
CA ALA B 117 -13.29 0.62 6.01
C ALA B 117 -12.39 -0.57 6.39
N ALA B 118 -13.00 -1.65 6.88
CA ALA B 118 -12.22 -2.82 7.28
C ALA B 118 -11.54 -3.46 6.08
N THR B 119 -12.26 -3.51 4.97
CA THR B 119 -11.74 -4.08 3.74
C THR B 119 -10.52 -3.28 3.27
N LEU B 120 -10.67 -1.97 3.22
CA LEU B 120 -9.59 -1.10 2.79
C LEU B 120 -8.38 -1.18 3.73
N GLN B 121 -8.64 -1.26 5.02
CA GLN B 121 -7.58 -1.42 6.00
C GLN B 121 -6.67 -2.62 5.65
N TRP B 122 -7.29 -3.78 5.41
CA TRP B 122 -6.52 -5.00 5.16
C TRP B 122 -5.93 -5.00 3.73
N LEU B 123 -6.59 -4.33 2.78
CA LEU B 123 -6.00 -4.16 1.45
C LEU B 123 -4.71 -3.34 1.55
N PHE B 124 -4.76 -2.20 2.23
CA PHE B 124 -3.55 -1.38 2.38
C PHE B 124 -2.47 -2.13 3.21
N TRP B 125 -2.90 -2.92 4.19
CA TRP B 125 -1.98 -3.70 4.99
C TRP B 125 -1.22 -4.67 4.12
N GLN B 126 -1.94 -5.31 3.19
CA GLN B 126 -1.27 -6.18 2.23
C GLN B 126 -0.25 -5.42 1.37
N VAL B 127 -0.66 -4.29 0.84
CA VAL B 127 0.17 -3.55 -0.11
C VAL B 127 1.40 -2.97 0.56
N GLY B 128 1.24 -2.54 1.78
CA GLY B 128 2.35 -1.91 2.49
C GLY B 128 3.18 -2.85 3.36
N GLY B 129 2.66 -4.04 3.66
CA GLY B 129 3.30 -4.95 4.60
C GLY B 129 3.54 -6.32 4.07
N LEU B 130 2.44 -7.05 3.83
CA LEU B 130 2.56 -8.44 3.42
C LEU B 130 3.40 -8.60 2.13
N GLY B 131 3.00 -7.88 1.10
CA GLY B 131 3.67 -7.98 -0.20
C GLY B 131 5.14 -7.59 -0.13
N PRO B 132 5.42 -6.37 0.35
CA PRO B 132 6.81 -5.91 0.37
C PRO B 132 7.71 -6.80 1.22
N MET B 133 7.24 -7.23 2.39
CA MET B 133 8.11 -7.99 3.29
C MET B 133 8.29 -9.42 2.81
N LEU B 134 7.22 -10.05 2.36
CA LEU B 134 7.38 -11.39 1.81
C LEU B 134 8.26 -11.35 0.56
N GLY B 135 8.16 -10.25 -0.18
CA GLY B 135 9.01 -10.07 -1.35
C GLY B 135 10.49 -9.98 -1.00
N GLN B 136 10.81 -9.35 0.13
CA GLN B 136 12.20 -9.25 0.56
C GLN B 136 12.68 -10.61 1.05
N ASN B 137 11.80 -11.32 1.73
CA ASN B 137 12.03 -12.72 2.13
C ASN B 137 12.43 -13.53 0.91
N HIS B 138 11.61 -13.47 -0.14
CA HIS B 138 11.92 -14.18 -1.39
C HIS B 138 13.31 -13.79 -1.93
N HIS B 139 13.58 -12.49 -1.95
CA HIS B 139 14.83 -12.02 -2.51
C HIS B 139 16.05 -12.56 -1.77
N PHE B 140 16.09 -12.37 -0.46
CA PHE B 140 17.29 -12.72 0.28
C PHE B 140 17.47 -14.25 0.39
N ASN B 141 16.38 -15.00 0.29
CA ASN B 141 16.48 -16.45 0.30
C ASN B 141 16.75 -17.10 -1.05
N HIS B 142 16.26 -16.52 -2.13
CA HIS B 142 16.31 -17.22 -3.42
C HIS B 142 17.03 -16.48 -4.54
N ALA B 143 17.03 -15.15 -4.50
CA ALA B 143 17.55 -14.37 -5.61
C ALA B 143 18.89 -13.73 -5.32
N ALA B 144 19.17 -13.37 -4.07
CA ALA B 144 20.41 -12.67 -3.77
C ALA B 144 21.63 -13.53 -4.10
N PRO B 145 22.68 -12.93 -4.68
CA PRO B 145 23.88 -13.68 -5.01
C PRO B 145 24.74 -13.98 -3.77
N GLN B 146 24.42 -13.38 -2.64
CA GLN B 146 25.11 -13.79 -1.44
C GLN B 146 24.11 -14.09 -0.35
N THR B 147 24.52 -14.97 0.54
CA THR B 147 23.67 -15.32 1.68
C THR B 147 23.96 -14.37 2.83
N ILE B 148 22.93 -13.66 3.27
CA ILE B 148 23.09 -12.62 4.28
C ILE B 148 22.18 -12.95 5.48
N PRO B 149 22.71 -13.67 6.47
CA PRO B 149 21.86 -14.18 7.56
C PRO B 149 21.08 -13.12 8.33
N TYR B 150 21.69 -11.95 8.52
CA TYR B 150 20.98 -10.87 9.22
C TYR B 150 19.69 -10.48 8.47
N ALA B 151 19.81 -10.31 7.15
CA ALA B 151 18.70 -9.87 6.32
C ALA B 151 17.66 -11.00 6.17
N ILE B 152 18.14 -12.22 6.04
CA ILE B 152 17.27 -13.37 5.95
C ILE B 152 16.42 -13.47 7.23
N GLU B 153 17.08 -13.27 8.37
CA GLU B 153 16.42 -13.36 9.67
C GLU B 153 15.42 -12.22 9.85
N ARG B 154 15.86 -11.01 9.54
CA ARG B 154 14.98 -9.85 9.61
C ARG B 154 13.67 -10.09 8.90
N TYR B 155 13.71 -10.57 7.65
CA TYR B 155 12.50 -10.69 6.88
C TYR B 155 11.78 -11.99 7.20
N GLN B 156 12.50 -12.97 7.76
CA GLN B 156 11.81 -14.19 8.21
C GLN B 156 10.92 -13.89 9.40
N VAL B 157 11.48 -13.19 10.38
CA VAL B 157 10.79 -12.83 11.58
C VAL B 157 9.60 -11.94 11.22
N GLU B 158 9.81 -11.02 10.30
CA GLU B 158 8.75 -10.10 9.92
C GLU B 158 7.66 -10.89 9.18
N THR B 159 8.06 -11.87 8.37
CA THR B 159 7.08 -12.72 7.64
C THR B 159 6.21 -13.49 8.66
N GLN B 160 6.86 -14.06 9.67
CA GLN B 160 6.15 -14.71 10.77
C GLN B 160 5.19 -13.77 11.47
N ARG B 161 5.64 -12.54 11.71
CA ARG B 161 4.80 -11.55 12.38
C ARG B 161 3.55 -11.30 11.55
N LEU B 162 3.74 -11.13 10.25
CA LEU B 162 2.63 -10.80 9.36
C LEU B 162 1.63 -11.97 9.29
N TYR B 163 2.13 -13.18 9.28
CA TYR B 163 1.26 -14.34 9.26
C TYR B 163 0.48 -14.43 10.59
N HIS B 164 1.13 -14.04 11.69
CA HIS B 164 0.48 -14.06 12.97
C HIS B 164 -0.65 -13.01 12.99
N VAL B 165 -0.39 -11.81 12.47
CA VAL B 165 -1.44 -10.78 12.39
C VAL B 165 -2.60 -11.28 11.51
N LEU B 166 -2.25 -11.86 10.39
CA LEU B 166 -3.25 -12.36 9.43
C LEU B 166 -4.06 -13.47 10.08
N ASN B 167 -3.36 -14.42 10.72
CA ASN B 167 -4.04 -15.48 11.44
C ASN B 167 -5.04 -14.96 12.48
N LYS B 168 -4.62 -13.96 13.26
CA LYS B 168 -5.49 -13.47 14.34
C LYS B 168 -6.76 -12.86 13.75
N ARG B 169 -6.63 -12.16 12.63
CA ARG B 169 -7.79 -11.54 12.04
C ARG B 169 -8.73 -12.63 11.54
N LEU B 170 -8.18 -13.68 10.94
CA LEU B 170 -8.99 -14.74 10.36
C LEU B 170 -9.60 -15.67 11.41
N GLU B 171 -9.09 -15.61 12.63
CA GLU B 171 -9.70 -16.30 13.76
C GLU B 171 -10.96 -15.55 14.22
N ASN B 172 -11.07 -14.30 13.82
CA ASN B 172 -12.12 -13.40 14.32
C ASN B 172 -13.16 -13.04 13.27
N SER B 173 -12.91 -13.46 12.03
CA SER B 173 -13.77 -13.13 10.90
C SER B 173 -13.55 -14.15 9.79
N PRO B 174 -14.62 -14.53 9.08
CA PRO B 174 -14.47 -15.48 7.97
C PRO B 174 -13.57 -14.95 6.87
N TRP B 175 -13.69 -13.66 6.59
CA TRP B 175 -12.88 -13.01 5.54
C TRP B 175 -12.25 -11.77 6.15
N LEU B 176 -11.25 -11.19 5.48
CA LEU B 176 -10.50 -10.09 6.09
C LEU B 176 -11.38 -8.85 6.37
N GLY B 177 -12.30 -8.54 5.48
CA GLY B 177 -13.09 -7.30 5.59
C GLY B 177 -14.39 -7.44 6.34
N GLY B 178 -14.74 -8.69 6.69
CA GLY B 178 -16.01 -9.00 7.33
C GLY B 178 -16.55 -10.33 6.85
N GLU B 179 -17.86 -10.36 6.64
CA GLU B 179 -18.57 -11.60 6.30
C GLU B 179 -18.44 -12.01 4.86
N ASN B 180 -17.89 -11.13 4.02
CA ASN B 180 -17.86 -11.37 2.55
C ASN B 180 -16.46 -11.36 1.98
N TYR B 181 -16.22 -12.27 1.07
CA TYR B 181 -14.99 -12.29 0.27
C TYR B 181 -14.81 -10.94 -0.42
N SER B 182 -13.60 -10.39 -0.40
CA SER B 182 -13.35 -9.05 -0.96
C SER B 182 -11.98 -8.91 -1.58
N ILE B 183 -11.74 -7.72 -2.12
CA ILE B 183 -10.44 -7.40 -2.67
C ILE B 183 -9.30 -7.49 -1.67
N ALA B 184 -9.60 -7.40 -0.37
CA ALA B 184 -8.56 -7.62 0.63
C ALA B 184 -8.05 -9.07 0.62
N ASP B 185 -8.97 -10.02 0.53
CA ASP B 185 -8.59 -11.43 0.50
C ASP B 185 -7.85 -11.74 -0.81
N ILE B 186 -8.38 -11.18 -1.89
CA ILE B 186 -7.81 -11.40 -3.23
C ILE B 186 -6.37 -10.89 -3.28
N ALA B 187 -6.11 -9.73 -2.64
CA ALA B 187 -4.76 -9.18 -2.62
C ALA B 187 -3.80 -10.07 -1.83
N CYS B 188 -4.27 -10.63 -0.72
CA CYS B 188 -3.40 -11.43 0.13
C CYS B 188 -3.11 -12.83 -0.37
N TRP B 189 -4.10 -13.46 -1.01
CA TRP B 189 -4.00 -14.89 -1.27
C TRP B 189 -2.79 -15.31 -2.12
N PRO B 190 -2.52 -14.60 -3.23
CA PRO B 190 -1.38 -15.10 -4.02
C PRO B 190 -0.08 -15.06 -3.28
N TRP B 191 0.05 -14.15 -2.32
CA TRP B 191 1.25 -14.08 -1.52
C TRP B 191 1.30 -15.24 -0.51
N VAL B 192 0.18 -15.53 0.11
CA VAL B 192 0.12 -16.69 1.00
C VAL B 192 0.31 -17.97 0.23
N ASN B 193 -0.16 -18.00 -1.01
CA ASN B 193 0.00 -19.19 -1.85
C ASN B 193 1.47 -19.48 -2.17
N ALA B 194 2.33 -18.48 -1.97
CA ALA B 194 3.78 -18.66 -2.13
C ALA B 194 4.46 -19.06 -0.82
N TRP B 195 3.68 -19.51 0.16
CA TRP B 195 4.23 -19.83 1.49
C TRP B 195 5.42 -20.79 1.46
N THR B 196 5.46 -21.70 0.49
CA THR B 196 6.59 -22.64 0.38
C THR B 196 7.90 -21.90 0.12
N ARG B 197 7.85 -20.81 -0.62
CA ARG B 197 9.07 -20.07 -0.95
C ARG B 197 9.56 -19.27 0.25
N GLN B 198 8.70 -19.12 1.25
CA GLN B 198 8.92 -18.21 2.38
C GLN B 198 9.40 -18.92 3.63
N ARG B 199 9.50 -20.25 3.53
CA ARG B 199 9.93 -21.11 4.63
C ARG B 199 8.97 -20.98 5.82
N ILE B 200 7.68 -20.88 5.50
CA ILE B 200 6.63 -20.75 6.49
C ILE B 200 5.96 -22.09 6.62
N ASP B 201 5.68 -22.51 7.84
CA ASP B 201 4.86 -23.69 8.06
C ASP B 201 3.42 -23.19 8.23
N LEU B 202 2.63 -23.37 7.18
CA LEU B 202 1.28 -22.85 7.17
C LEU B 202 0.41 -23.46 8.29
N ALA B 203 0.78 -24.66 8.74
CA ALA B 203 0.05 -25.32 9.81
C ALA B 203 0.19 -24.60 11.13
N MET B 204 1.20 -23.74 11.25
CA MET B 204 1.39 -22.94 12.44
C MET B 204 0.37 -21.81 12.53
N TYR B 205 -0.35 -21.58 11.44
CA TYR B 205 -1.33 -20.51 11.31
C TYR B 205 -2.66 -21.11 10.80
N PRO B 206 -3.37 -21.82 11.68
CA PRO B 206 -4.49 -22.65 11.23
C PRO B 206 -5.60 -21.88 10.53
N ALA B 207 -5.89 -20.66 10.99
CA ALA B 207 -6.92 -19.86 10.32
C ALA B 207 -6.46 -19.44 8.92
N VAL B 208 -5.16 -19.13 8.79
CA VAL B 208 -4.64 -18.77 7.45
C VAL B 208 -4.72 -19.99 6.57
N LYS B 209 -4.32 -21.14 7.11
CA LYS B 209 -4.35 -22.39 6.35
C LYS B 209 -5.73 -22.72 5.82
N ASN B 210 -6.74 -22.62 6.68
CA ASN B 210 -8.12 -22.89 6.25
C ASN B 210 -8.62 -21.88 5.19
N TRP B 211 -8.29 -20.61 5.38
CA TRP B 211 -8.64 -19.54 4.44
C TRP B 211 -7.94 -19.76 3.08
N HIS B 212 -6.69 -20.18 3.14
CA HIS B 212 -5.92 -20.42 1.93
C HIS B 212 -6.54 -21.56 1.14
N GLU B 213 -6.86 -22.65 1.84
CA GLU B 213 -7.50 -23.80 1.22
C GLU B 213 -8.88 -23.43 0.66
N ARG B 214 -9.66 -22.66 1.41
CA ARG B 214 -10.96 -22.19 0.96
C ARG B 214 -10.86 -21.42 -0.36
N ILE B 215 -9.95 -20.46 -0.43
CA ILE B 215 -9.81 -19.65 -1.65
C ILE B 215 -9.30 -20.49 -2.82
N ARG B 216 -8.36 -21.40 -2.54
CA ARG B 216 -7.83 -22.26 -3.59
CA ARG B 216 -7.83 -22.27 -3.59
C ARG B 216 -8.96 -23.09 -4.22
N SER B 217 -9.92 -23.48 -3.41
CA SER B 217 -11.04 -24.29 -3.87
C SER B 217 -12.11 -23.53 -4.65
N ARG B 218 -12.03 -22.21 -4.67
CA ARG B 218 -13.00 -21.42 -5.42
C ARG B 218 -12.73 -21.61 -6.89
N PRO B 219 -13.78 -21.80 -7.69
CA PRO B 219 -13.57 -22.03 -9.12
C PRO B 219 -12.79 -20.94 -9.85
N ALA B 220 -13.00 -19.68 -9.48
CA ALA B 220 -12.30 -18.57 -10.14
C ALA B 220 -10.79 -18.66 -9.94
N THR B 221 -10.38 -19.17 -8.78
CA THR B 221 -8.98 -19.25 -8.44
C THR B 221 -8.30 -20.20 -9.39
N GLY B 222 -8.92 -21.35 -9.59
CA GLY B 222 -8.43 -22.33 -10.53
C GLY B 222 -8.36 -21.80 -11.96
N GLN B 223 -9.38 -21.03 -12.35
CA GLN B 223 -9.40 -20.42 -13.68
C GLN B 223 -8.27 -19.40 -13.86
N ALA B 224 -8.01 -18.63 -12.80
CA ALA B 224 -6.95 -17.63 -12.85
C ALA B 224 -5.56 -18.28 -12.97
N LEU B 225 -5.32 -19.30 -12.18
CA LEU B 225 -4.03 -20.00 -12.22
C LEU B 225 -3.82 -20.72 -13.54
N LEU B 226 -4.92 -21.23 -14.10
CA LEU B 226 -4.90 -21.94 -15.39
C LEU B 226 -4.60 -20.93 -16.48
N LYS B 227 -5.07 -19.70 -16.29
CA LYS B 227 -4.63 -18.46 -17.00
C LYS B 227 -5.61 -17.97 -18.03
N1 GSH C . 10.08 -2.63 13.12
CA1 GSH C . 10.53 -1.59 12.29
C1 GSH C . 11.84 -2.00 11.58
O11 GSH C . 12.60 -2.87 12.11
O12 GSH C . 12.18 -1.47 10.46
CB1 GSH C . 10.74 -0.35 13.15
CG1 GSH C . 11.14 0.85 12.26
CD1 GSH C . 9.90 1.42 11.55
OE1 GSH C . 8.77 1.25 11.98
N2 GSH C . 10.12 2.18 10.34
CA2 GSH C . 9.02 2.77 9.62
C2 GSH C . 8.97 2.11 8.28
O2 GSH C . 9.99 1.72 7.71
CB2 GSH C . 9.30 4.24 9.43
SG2 GSH C . 8.95 5.08 10.97
N3 GSH C . 7.69 1.93 7.66
CA3 GSH C . 7.67 1.29 6.36
C3 GSH C . 6.44 1.79 5.63
O31 GSH C . 5.93 2.88 5.91
O32 GSH C . 5.95 1.07 4.75
N1 GSH D . 2.00 0.50 6.14
CA1 GSH D . 1.88 1.16 7.41
C1 GSH D . 1.18 2.47 7.24
O11 GSH D . 0.50 2.93 8.17
O12 GSH D . 1.31 3.10 6.15
CB1 GSH D . 3.27 1.43 7.97
CG1 GSH D . 3.12 2.03 9.36
CD1 GSH D . 4.49 2.00 10.11
OE1 GSH D . 5.52 1.52 9.58
N2 GSH D . 4.49 2.52 11.41
CA2 GSH D . 5.67 2.54 12.19
C2 GSH D . 5.40 1.80 13.48
O2 GSH D . 4.39 1.97 14.14
CB2 GSH D . 6.06 3.99 12.57
SG2 GSH D . 6.39 4.95 11.07
N3 GSH D . 6.42 0.91 13.90
CA3 GSH D . 6.24 0.18 15.13
C3 GSH D . 6.85 -1.18 15.01
O31 GSH D . 6.93 -1.89 16.06
O32 GSH D . 7.28 -1.60 13.89
N1 GSH E . 13.17 -5.80 -8.60
CA1 GSH E . 12.67 -6.87 -7.82
C1 GSH E . 13.66 -7.18 -6.68
O11 GSH E . 13.23 -7.52 -5.53
O12 GSH E . 14.92 -7.09 -6.88
CB1 GSH E . 12.49 -8.06 -8.73
CG1 GSH E . 11.70 -9.16 -8.01
CD1 GSH E . 10.24 -8.71 -7.80
OE1 GSH E . 9.67 -7.93 -8.58
N2 GSH E . 9.56 -9.23 -6.64
CA2 GSH E . 8.20 -8.88 -6.40
C2 GSH E . 8.09 -8.22 -5.05
O2 GSH E . 8.82 -8.52 -4.14
CB2 GSH E . 7.43 -10.18 -6.36
SG2 GSH E . 7.24 -10.82 -8.04
N3 GSH E . 7.09 -7.18 -4.87
CA3 GSH E . 6.95 -6.53 -3.59
C3 GSH E . 5.51 -6.09 -3.43
O31 GSH E . 4.57 -6.68 -3.99
O32 GSH E . 5.29 -5.12 -2.68
N1 GSH F . 3.30 -2.53 -5.29
CA1 GSH F . 3.25 -3.12 -6.59
C1 GSH F . 1.90 -3.72 -6.84
O11 GSH F . 1.16 -4.07 -5.85
O12 GSH F . 1.48 -3.83 -8.03
CB1 GSH F . 4.35 -4.20 -6.67
CG1 GSH F . 4.28 -4.82 -8.06
CD1 GSH F . 5.55 -5.68 -8.30
OE1 GSH F . 6.39 -5.86 -7.38
N2 GSH F . 5.69 -6.23 -9.57
CA2 GSH F . 6.81 -7.04 -9.91
C2 GSH F . 7.53 -6.46 -11.11
O2 GSH F . 6.91 -6.05 -12.09
CB2 GSH F . 6.26 -8.42 -10.34
SG2 GSH F . 5.43 -9.19 -8.96
N3 GSH F . 8.95 -6.44 -11.09
CA3 GSH F . 9.68 -5.90 -12.21
C3 GSH F . 10.86 -5.15 -11.69
O31 GSH F . 11.01 -4.90 -10.44
O32 GSH F . 11.72 -4.75 -12.52
#